data_5DMR
#
_entry.id   5DMR
#
_cell.length_a   89.630
_cell.length_b   63.862
_cell.length_c   60.431
_cell.angle_alpha   90.00
_cell.angle_beta   96.90
_cell.angle_gamma   90.00
#
_symmetry.space_group_name_H-M   'C 1 2 1'
#
loop_
_entity.id
_entity.type
_entity.pdbx_description
1 polymer 'Reverse transcriptase/ribonuclease H p80'
2 polymer 'Eukaryotic peptide chain release factor subunit 1'
3 water water
#
loop_
_entity_poly.entity_id
_entity_poly.type
_entity_poly.pdbx_seq_one_letter_code
_entity_poly.pdbx_strand_id
1 'polypeptide(L)'
;AEAHGTRPDLTDQPLPDADHTWYTDGSSLLQEGQRKAGAAVTTETEVIWAKALPAGTSAQRAELIALTQALKMAEGKKLN
VYTDSRYAFATAHIHGEIYRRRGLLTSEGKEIKNKDEILALLKALFLPKRLSIIHCPGHQKGHSAEARGNRMADQAARKA
AITETPDTSTLL
;
A
2 'polypeptide(L)'
;SNVKFIQEKKLIGRYFDEISQDTGKYCFGVEDTLKALEMGAVEILIVYENLDIMRYVLHCQGTEEEKILYLTPEQEKDKS
HFTDKETGQEHELIESMPLLEWFANNYKKFGATLEIVTDKSQEGSQFVKGFGGIGGILRYRVDFQGMEYQGGDDEFFDLD
DY
;
B
#
# COMPACT_ATOMS: atom_id res chain seq x y z
N PRO A 8 -1.52 -15.10 -8.20
CA PRO A 8 -1.03 -14.43 -9.43
C PRO A 8 -2.15 -13.95 -10.39
N ASP A 9 -3.30 -13.64 -9.79
CA ASP A 9 -4.43 -12.92 -10.38
C ASP A 9 -4.60 -11.57 -9.61
N LEU A 10 -3.58 -11.20 -8.83
CA LEU A 10 -3.75 -10.28 -7.72
C LEU A 10 -3.39 -8.88 -8.13
N THR A 11 -4.39 -8.01 -8.09
CA THR A 11 -4.27 -6.63 -8.54
C THR A 11 -4.27 -5.70 -7.33
N ASP A 12 -3.69 -4.53 -7.51
CA ASP A 12 -3.78 -3.45 -6.53
C ASP A 12 -4.88 -2.42 -6.82
N GLN A 13 -5.67 -2.63 -7.87
CA GLN A 13 -6.78 -1.71 -8.11
C GLN A 13 -8.06 -2.52 -8.12
N PRO A 14 -9.18 -1.90 -7.74
CA PRO A 14 -10.39 -2.68 -7.50
C PRO A 14 -10.85 -3.50 -8.67
N LEU A 15 -11.48 -4.61 -8.34
CA LEU A 15 -12.23 -5.40 -9.29
C LEU A 15 -13.55 -4.63 -9.50
N PRO A 16 -14.06 -4.61 -10.75
CA PRO A 16 -15.38 -4.01 -10.99
C PRO A 16 -16.54 -4.88 -10.49
N ASP A 17 -16.34 -6.20 -10.42
CA ASP A 17 -17.44 -7.15 -10.18
C ASP A 17 -17.48 -7.75 -8.74
N ALA A 18 -17.12 -6.97 -7.72
CA ALA A 18 -16.82 -7.53 -6.40
C ALA A 18 -18.06 -7.65 -5.52
N ASP A 19 -18.16 -8.75 -4.77
CA ASP A 19 -19.25 -9.01 -3.85
C ASP A 19 -19.01 -8.25 -2.55
N HIS A 20 -17.74 -8.06 -2.20
CA HIS A 20 -17.41 -7.47 -0.92
C HIS A 20 -16.36 -6.45 -1.11
N THR A 21 -16.44 -5.38 -0.33
CA THR A 21 -15.41 -4.39 -0.32
C THR A 21 -15.12 -4.14 1.15
N TRP A 22 -13.95 -4.59 1.57
CA TRP A 22 -13.64 -4.68 2.98
C TRP A 22 -12.43 -3.87 3.30
N TYR A 23 -12.32 -3.50 4.56
CA TYR A 23 -11.34 -2.55 5.03
C TYR A 23 -10.75 -3.14 6.28
N THR A 24 -9.43 -3.36 6.31
CA THR A 24 -8.78 -3.96 7.47
C THR A 24 -7.86 -2.96 8.14
N ASP A 25 -7.74 -3.11 9.46
CA ASP A 25 -6.77 -2.37 10.29
C ASP A 25 -6.28 -3.24 11.46
N GLY A 26 -5.12 -2.92 11.99
CA GLY A 26 -4.58 -3.53 13.19
C GLY A 26 -3.62 -2.61 13.95
N SER A 27 -4.16 -1.73 14.78
CA SER A 27 -3.35 -0.85 15.64
C SER A 27 -2.62 -1.56 16.82
N SER A 28 -1.57 -0.92 17.31
CA SER A 28 -0.93 -1.29 18.57
C SER A 28 -0.86 0.03 19.35
N LEU A 29 -1.49 0.06 20.52
CA LEU A 29 -1.79 1.34 21.18
C LEU A 29 -0.81 1.76 22.24
N LEU A 30 -0.71 3.08 22.38
CA LEU A 30 -0.31 3.81 23.59
C LEU A 30 -1.11 3.51 24.87
N GLN A 31 -0.62 4.09 25.97
CA GLN A 31 -1.33 4.17 27.26
C GLN A 31 -0.41 4.83 28.29
N ARG A 35 0.49 -1.25 26.57
CA ARG A 35 0.42 -1.36 25.12
C ARG A 35 -0.58 -2.43 24.63
N LYS A 36 -1.58 -1.97 23.90
CA LYS A 36 -2.78 -2.75 23.61
C LYS A 36 -2.81 -3.01 22.10
N ALA A 37 -3.45 -4.09 21.66
CA ALA A 37 -3.47 -4.47 20.24
C ALA A 37 -4.81 -5.03 19.76
N GLY A 38 -5.44 -4.32 18.82
CA GLY A 38 -6.67 -4.80 18.18
C GLY A 38 -6.50 -5.04 16.69
N ALA A 39 -7.42 -5.82 16.13
CA ALA A 39 -7.47 -6.07 14.69
C ALA A 39 -8.93 -6.08 14.28
N ALA A 40 -9.24 -5.66 13.06
CA ALA A 40 -10.62 -5.64 12.60
C ALA A 40 -10.79 -5.74 11.08
N VAL A 41 -11.99 -6.14 10.69
CA VAL A 41 -12.42 -6.21 9.29
C VAL A 41 -13.80 -5.60 9.20
N THR A 42 -14.02 -4.70 8.24
CA THR A 42 -15.31 -4.03 8.11
C THR A 42 -15.71 -3.74 6.65
N THR A 43 -16.94 -3.29 6.47
CA THR A 43 -17.41 -2.63 5.25
C THR A 43 -17.29 -1.14 5.49
N GLU A 44 -17.80 -0.33 4.56
CA GLU A 44 -17.90 1.13 4.77
C GLU A 44 -18.61 1.51 6.06
N THR A 45 -19.60 0.69 6.45
CA THR A 45 -20.56 1.01 7.52
C THR A 45 -20.82 -0.03 8.63
N GLU A 46 -20.23 -1.22 8.52
CA GLU A 46 -20.54 -2.33 9.45
C GLU A 46 -19.34 -3.21 9.81
N VAL A 47 -19.09 -3.41 11.09
CA VAL A 47 -18.01 -4.25 11.53
C VAL A 47 -18.38 -5.73 11.38
N ILE A 48 -17.49 -6.49 10.75
CA ILE A 48 -17.69 -7.90 10.48
C ILE A 48 -16.97 -8.76 11.48
N TRP A 49 -15.73 -8.42 11.76
CA TRP A 49 -14.91 -9.21 12.63
C TRP A 49 -14.00 -8.26 13.34
N ALA A 50 -13.87 -8.46 14.65
CA ALA A 50 -12.95 -7.68 15.48
C ALA A 50 -12.47 -8.52 16.67
N LYS A 51 -11.16 -8.52 16.89
CA LYS A 51 -10.57 -9.10 18.10
C LYS A 51 -9.44 -8.23 18.67
N ALA A 52 -9.25 -8.36 19.98
CA ALA A 52 -8.05 -7.87 20.62
C ALA A 52 -7.02 -8.97 20.43
N LEU A 53 -5.74 -8.58 20.42
CA LEU A 53 -4.63 -9.51 20.19
C LEU A 53 -3.76 -9.74 21.43
N PRO A 54 -3.06 -10.91 21.48
CA PRO A 54 -2.13 -11.25 22.54
C PRO A 54 -1.24 -10.11 23.02
N ALA A 55 -0.80 -10.22 24.27
CA ALA A 55 -0.07 -9.18 25.02
C ALA A 55 0.86 -8.26 24.19
N GLY A 56 0.42 -7.01 24.00
CA GLY A 56 1.19 -5.97 23.30
C GLY A 56 1.92 -6.31 21.99
N THR A 57 1.32 -7.13 21.13
CA THR A 57 1.91 -7.49 19.81
C THR A 57 2.01 -6.27 18.86
N SER A 58 2.92 -6.35 17.89
CA SER A 58 3.28 -5.17 17.05
C SER A 58 2.17 -4.82 16.08
N ALA A 59 2.22 -3.60 15.57
CA ALA A 59 1.22 -3.13 14.63
C ALA A 59 1.33 -3.90 13.29
N GLN A 60 2.54 -4.16 12.85
CA GLN A 60 2.75 -4.99 11.68
C GLN A 60 2.10 -6.37 11.83
N ARG A 61 2.27 -7.03 12.97
CA ARG A 61 1.63 -8.36 13.15
C ARG A 61 0.09 -8.26 13.15
N ALA A 62 -0.46 -7.22 13.78
CA ALA A 62 -1.93 -6.99 13.83
C ALA A 62 -2.52 -6.69 12.47
N GLU A 63 -1.80 -5.90 11.67
CA GLU A 63 -2.22 -5.52 10.36
C GLU A 63 -2.37 -6.70 9.40
N LEU A 64 -1.37 -7.58 9.46
CA LEU A 64 -1.34 -8.83 8.69
C LEU A 64 -2.41 -9.76 9.13
N ILE A 65 -2.53 -9.97 10.44
CA ILE A 65 -3.61 -10.80 11.02
C ILE A 65 -4.96 -10.32 10.45
N ALA A 66 -5.23 -9.03 10.58
CA ALA A 66 -6.49 -8.43 10.11
C ALA A 66 -6.76 -8.67 8.61
N LEU A 67 -5.69 -8.68 7.82
CA LEU A 67 -5.70 -8.96 6.40
C LEU A 67 -5.83 -10.46 6.10
N THR A 68 -5.02 -11.30 6.73
CA THR A 68 -5.16 -12.78 6.63
C THR A 68 -6.59 -13.22 6.92
N GLN A 69 -7.22 -12.56 7.88
CA GLN A 69 -8.58 -12.85 8.30
C GLN A 69 -9.64 -12.34 7.34
N ALA A 70 -9.40 -11.23 6.70
CA ALA A 70 -10.28 -10.79 5.65
C ALA A 70 -10.33 -11.85 4.55
N LEU A 71 -9.13 -12.33 4.18
CA LEU A 71 -8.96 -13.33 3.15
C LEU A 71 -9.63 -14.65 3.52
N LYS A 72 -9.42 -15.11 4.75
CA LYS A 72 -10.10 -16.32 5.21
C LYS A 72 -11.61 -16.25 4.98
N MET A 73 -12.24 -15.20 5.50
CA MET A 73 -13.69 -15.06 5.50
C MET A 73 -14.28 -14.77 4.11
N ALA A 74 -13.41 -14.41 3.15
CA ALA A 74 -13.82 -14.19 1.77
C ALA A 74 -13.58 -15.39 0.86
N GLU A 75 -13.31 -16.56 1.43
CA GLU A 75 -13.23 -17.84 0.70
C GLU A 75 -14.32 -17.96 -0.38
N GLY A 76 -13.89 -18.15 -1.62
CA GLY A 76 -14.79 -18.35 -2.74
C GLY A 76 -15.65 -17.17 -3.17
N LYS A 77 -15.38 -15.97 -2.64
CA LYS A 77 -16.09 -14.74 -3.01
C LYS A 77 -15.15 -13.83 -3.82
N LYS A 78 -15.67 -12.73 -4.35
CA LYS A 78 -14.86 -11.72 -5.05
C LYS A 78 -14.62 -10.54 -4.16
N LEU A 79 -13.38 -10.36 -3.71
CA LEU A 79 -13.10 -9.40 -2.63
C LEU A 79 -12.20 -8.28 -3.12
N ASN A 80 -12.61 -7.04 -2.85
CA ASN A 80 -11.70 -5.91 -2.71
C ASN A 80 -11.49 -5.71 -1.24
N VAL A 81 -10.23 -5.57 -0.87
CA VAL A 81 -9.92 -5.30 0.48
C VAL A 81 -8.87 -4.22 0.55
N TYR A 82 -9.06 -3.31 1.51
CA TYR A 82 -8.18 -2.18 1.76
C TYR A 82 -7.43 -2.37 3.09
N THR A 83 -6.11 -2.19 3.04
CA THR A 83 -5.30 -2.00 4.22
C THR A 83 -4.77 -0.59 4.19
N ASP A 84 -4.40 -0.08 5.36
CA ASP A 84 -3.57 1.16 5.45
C ASP A 84 -2.07 0.81 5.61
N SER A 85 -1.77 -0.45 5.90
CA SER A 85 -0.42 -0.90 6.14
C SER A 85 0.38 -1.02 4.85
N ARG A 86 1.49 -0.28 4.77
CA ARG A 86 2.35 -0.44 3.62
C ARG A 86 2.94 -1.84 3.66
N TYR A 87 3.40 -2.25 4.85
CA TYR A 87 4.00 -3.58 5.07
C TYR A 87 3.11 -4.75 4.70
N ALA A 88 1.85 -4.71 5.11
CA ALA A 88 0.92 -5.79 4.84
C ALA A 88 0.57 -5.86 3.35
N PHE A 89 0.27 -4.70 2.76
CA PHE A 89 0.11 -4.56 1.30
C PHE A 89 1.36 -4.96 0.50
N ALA A 90 2.52 -4.46 0.92
CA ALA A 90 3.75 -4.75 0.16
C ALA A 90 4.04 -6.25 0.19
N THR A 91 4.08 -6.82 1.41
CA THR A 91 4.33 -8.26 1.66
C THR A 91 3.41 -9.12 0.78
N ALA A 92 2.11 -8.87 0.91
CA ALA A 92 1.09 -9.62 0.15
C ALA A 92 1.33 -9.56 -1.36
N HIS A 93 1.69 -8.36 -1.84
CA HIS A 93 1.95 -8.17 -3.28
C HIS A 93 3.24 -8.81 -3.78
N ILE A 94 4.28 -8.97 -2.95
CA ILE A 94 5.50 -9.74 -3.35
C ILE A 94 5.49 -11.27 -3.09
N HIS A 95 4.33 -11.89 -2.86
CA HIS A 95 4.21 -13.38 -2.92
C HIS A 95 4.91 -13.90 -4.22
N GLY A 96 5.88 -14.79 -4.06
CA GLY A 96 6.91 -15.05 -5.07
C GLY A 96 8.26 -14.97 -4.41
N GLU A 97 8.58 -16.03 -3.65
CA GLU A 97 9.74 -16.05 -2.72
C GLU A 97 9.93 -17.42 -2.03
N GLU A 111 14.83 -16.88 9.45
CA GLU A 111 15.57 -15.65 9.16
C GLU A 111 14.62 -14.45 8.95
N ILE A 112 13.52 -14.69 8.23
CA ILE A 112 12.54 -13.63 7.86
C ILE A 112 11.56 -13.33 9.02
N LYS A 113 11.23 -12.05 9.24
CA LYS A 113 10.41 -11.62 10.40
C LYS A 113 8.89 -11.61 10.17
N ASN A 114 8.13 -11.98 11.22
CA ASN A 114 6.71 -12.32 11.16
C ASN A 114 6.40 -13.53 10.22
N LYS A 115 7.27 -14.54 10.21
CA LYS A 115 7.11 -15.78 9.39
C LYS A 115 5.75 -16.44 9.62
N ASP A 116 5.44 -16.61 10.89
CA ASP A 116 4.15 -17.11 11.37
C ASP A 116 2.98 -16.50 10.56
N GLU A 117 2.89 -15.18 10.64
CA GLU A 117 1.78 -14.42 10.07
C GLU A 117 1.81 -14.33 8.53
N ILE A 118 3.01 -14.41 7.94
CA ILE A 118 3.23 -14.34 6.50
C ILE A 118 2.85 -15.64 5.82
N LEU A 119 3.13 -16.79 6.44
CA LEU A 119 2.67 -18.08 5.86
C LEU A 119 1.16 -18.16 5.89
N ALA A 120 0.60 -17.82 7.03
CA ALA A 120 -0.83 -17.69 7.17
C ALA A 120 -1.41 -16.83 6.00
N LEU A 121 -0.95 -15.59 5.84
CA LEU A 121 -1.34 -14.70 4.72
C LEU A 121 -1.14 -15.29 3.33
N LEU A 122 -0.05 -16.01 3.12
CA LEU A 122 0.26 -16.59 1.81
C LEU A 122 -0.70 -17.69 1.40
N LYS A 123 -1.15 -18.53 2.36
CA LYS A 123 -2.17 -19.52 2.00
C LYS A 123 -3.55 -18.88 1.90
N ALA A 124 -3.85 -17.96 2.82
CA ALA A 124 -5.15 -17.27 2.78
C ALA A 124 -5.43 -16.62 1.43
N LEU A 125 -4.37 -16.09 0.79
CA LEU A 125 -4.50 -15.45 -0.52
C LEU A 125 -5.28 -16.28 -1.51
N PHE A 126 -5.09 -17.61 -1.46
CA PHE A 126 -5.68 -18.53 -2.47
C PHE A 126 -7.12 -18.90 -2.26
N LEU A 127 -7.70 -18.49 -1.15
CA LEU A 127 -9.07 -18.79 -0.85
C LEU A 127 -10.09 -17.97 -1.68
N PRO A 128 -9.91 -16.64 -1.79
CA PRO A 128 -10.98 -15.96 -2.54
C PRO A 128 -11.05 -16.35 -4.01
N LYS A 129 -12.21 -16.12 -4.62
CA LYS A 129 -12.42 -16.41 -6.03
C LYS A 129 -11.84 -15.29 -6.88
N ARG A 130 -11.94 -14.05 -6.41
CA ARG A 130 -11.25 -12.94 -7.06
C ARG A 130 -10.72 -12.04 -5.98
N LEU A 131 -9.55 -11.46 -6.19
CA LEU A 131 -8.90 -10.71 -5.14
C LEU A 131 -8.20 -9.45 -5.61
N SER A 132 -8.53 -8.37 -4.94
CA SER A 132 -7.81 -7.15 -5.11
C SER A 132 -7.44 -6.68 -3.73
N ILE A 133 -6.15 -6.45 -3.51
CA ILE A 133 -5.61 -5.89 -2.28
C ILE A 133 -5.05 -4.50 -2.61
N ILE A 134 -5.73 -3.49 -2.08
CA ILE A 134 -5.59 -2.10 -2.43
C ILE A 134 -5.04 -1.31 -1.24
N HIS A 135 -4.12 -0.39 -1.48
CA HIS A 135 -3.65 0.48 -0.38
C HIS A 135 -4.50 1.75 -0.21
N CYS A 136 -4.68 2.20 1.03
CA CYS A 136 -5.44 3.41 1.31
C CYS A 136 -4.68 4.23 2.35
N PRO A 137 -4.64 5.56 2.17
CA PRO A 137 -3.94 6.38 3.14
C PRO A 137 -4.71 6.47 4.45
N HIS A 143 -14.85 11.87 3.44
CA HIS A 143 -16.19 11.30 3.30
C HIS A 143 -16.46 10.45 2.03
N SER A 144 -15.44 10.02 1.29
CA SER A 144 -15.66 8.99 0.26
C SER A 144 -15.71 7.63 0.93
N ALA A 145 -16.18 6.62 0.21
CA ALA A 145 -16.31 5.26 0.76
C ALA A 145 -15.01 4.73 1.37
N GLU A 146 -13.90 4.97 0.69
CA GLU A 146 -12.59 4.51 1.14
C GLU A 146 -12.23 5.14 2.47
N ALA A 147 -12.47 6.44 2.59
CA ALA A 147 -12.09 7.22 3.78
C ALA A 147 -12.86 6.77 5.00
N ARG A 148 -14.17 6.59 4.80
CA ARG A 148 -15.13 6.11 5.81
C ARG A 148 -14.87 4.65 6.24
N GLY A 149 -14.56 3.79 5.27
CA GLY A 149 -14.30 2.38 5.53
C GLY A 149 -13.02 2.17 6.31
N ASN A 150 -11.94 2.85 5.88
CA ASN A 150 -10.68 2.85 6.64
C ASN A 150 -10.90 3.34 8.07
N ARG A 151 -11.57 4.50 8.19
CA ARG A 151 -11.95 5.09 9.46
C ARG A 151 -12.69 4.09 10.35
N MET A 152 -13.76 3.51 9.80
CA MET A 152 -14.53 2.47 10.47
C MET A 152 -13.67 1.36 11.04
N ALA A 153 -12.77 0.83 10.22
CA ALA A 153 -11.88 -0.28 10.60
C ALA A 153 -10.90 0.05 11.73
N ASP A 154 -10.38 1.29 11.73
CA ASP A 154 -9.46 1.76 12.76
C ASP A 154 -10.20 1.99 14.06
N GLN A 155 -11.36 2.61 13.99
CA GLN A 155 -12.26 2.72 15.15
C GLN A 155 -12.46 1.36 15.82
N ALA A 156 -13.03 0.40 15.12
CA ALA A 156 -13.31 -0.94 15.66
C ALA A 156 -12.08 -1.69 16.19
N ALA A 157 -10.93 -1.47 15.55
CA ALA A 157 -9.66 -2.08 15.95
C ALA A 157 -9.12 -1.42 17.23
N ARG A 158 -9.17 -0.08 17.25
CA ARG A 158 -8.75 0.72 18.38
C ARG A 158 -9.77 0.68 19.53
N LYS A 159 -10.98 0.18 19.28
CA LYS A 159 -11.99 -0.11 20.34
C LYS A 159 -12.05 -1.56 20.83
N ALA A 160 -11.79 -2.56 20.00
CA ALA A 160 -11.59 -3.94 20.52
C ALA A 160 -10.25 -4.06 21.28
N ALA A 161 -9.40 -3.04 21.22
CA ALA A 161 -8.07 -3.07 21.86
C ALA A 161 -8.12 -2.49 23.27
N ILE A 162 -8.68 -1.27 23.36
CA ILE A 162 -8.86 -0.56 24.62
C ILE A 162 -9.90 -1.29 25.49
N THR A 163 -11.18 -1.30 25.10
CA THR A 163 -12.27 -1.81 25.96
C THR A 163 -12.29 -3.36 26.14
N GLU A 164 -11.20 -4.08 25.84
CA GLU A 164 -11.21 -5.56 25.82
C GLU A 164 -9.88 -6.16 26.30
N THR A 165 -9.94 -7.13 27.22
CA THR A 165 -8.75 -7.76 27.82
C THR A 165 -8.42 -9.08 27.08
N PRO A 166 -7.25 -9.17 26.35
CA PRO A 166 -6.90 -10.21 25.34
C PRO A 166 -7.76 -11.52 25.25
N ASP A 167 -7.23 -12.70 25.62
CA ASP A 167 -7.98 -13.97 25.57
C ASP A 167 -8.52 -14.33 26.97
N ILE B 6 17.74 -5.70 -18.79
CA ILE B 6 18.95 -6.57 -18.58
C ILE B 6 19.14 -6.80 -17.06
N GLN B 7 19.36 -5.72 -16.32
CA GLN B 7 19.37 -5.72 -14.85
C GLN B 7 18.31 -4.76 -14.27
N GLU B 8 17.27 -4.48 -15.07
CA GLU B 8 15.92 -4.25 -14.56
C GLU B 8 15.68 -5.16 -13.35
N LYS B 9 15.91 -6.47 -13.52
CA LYS B 9 15.56 -7.45 -12.51
C LYS B 9 16.44 -7.40 -11.25
N LYS B 10 17.64 -6.84 -11.37
CA LYS B 10 18.53 -6.69 -10.20
C LYS B 10 18.02 -5.60 -9.25
N LEU B 11 17.50 -4.52 -9.85
CA LEU B 11 17.03 -3.35 -9.12
C LEU B 11 15.70 -3.60 -8.44
N ILE B 12 14.75 -4.14 -9.19
CA ILE B 12 13.43 -4.48 -8.65
C ILE B 12 13.54 -5.63 -7.65
N GLY B 13 14.39 -6.59 -7.94
CA GLY B 13 14.77 -7.60 -6.95
C GLY B 13 15.24 -6.97 -5.66
N ARG B 14 16.13 -5.98 -5.79
CA ARG B 14 16.63 -5.20 -4.63
C ARG B 14 15.51 -4.48 -3.89
N TYR B 15 14.62 -3.90 -4.66
CA TYR B 15 13.40 -3.28 -4.17
C TYR B 15 12.54 -4.28 -3.41
N PHE B 16 12.22 -5.39 -4.06
CA PHE B 16 11.45 -6.43 -3.41
C PHE B 16 12.09 -6.94 -2.14
N ASP B 17 13.43 -6.96 -2.08
CA ASP B 17 14.13 -7.47 -0.91
C ASP B 17 13.96 -6.58 0.29
N GLU B 18 13.83 -5.28 0.09
CA GLU B 18 13.58 -4.32 1.20
C GLU B 18 12.22 -4.60 1.88
N ILE B 19 11.24 -4.92 1.06
CA ILE B 19 9.96 -5.39 1.54
C ILE B 19 10.19 -6.68 2.29
N SER B 20 10.59 -7.74 1.58
CA SER B 20 10.76 -9.09 2.15
C SER B 20 11.68 -9.13 3.37
N GLN B 21 12.71 -8.30 3.41
CA GLN B 21 13.59 -8.21 4.57
C GLN B 21 13.08 -7.31 5.68
N ASP B 22 11.85 -6.81 5.54
CA ASP B 22 11.24 -5.91 6.53
C ASP B 22 12.10 -4.71 6.93
N THR B 23 12.76 -4.07 5.96
CA THR B 23 13.59 -2.90 6.23
C THR B 23 12.83 -1.59 6.38
N GLY B 24 11.61 -1.51 5.85
CA GLY B 24 10.92 -0.23 5.76
C GLY B 24 11.51 0.77 4.78
N LYS B 25 12.54 0.38 4.03
CA LYS B 25 13.24 1.27 3.13
C LYS B 25 12.67 1.16 1.71
N TYR B 26 11.36 1.32 1.61
CA TYR B 26 10.71 1.28 0.31
C TYR B 26 9.52 2.20 0.30
N CYS B 27 9.09 2.58 -0.90
CA CYS B 27 7.87 3.35 -1.05
C CYS B 27 7.22 2.95 -2.35
N PHE B 28 5.92 3.22 -2.47
CA PHE B 28 5.17 2.90 -3.66
C PHE B 28 4.02 3.85 -3.79
N GLY B 29 3.45 3.94 -5.00
CA GLY B 29 2.39 4.88 -5.26
C GLY B 29 2.84 6.34 -5.36
N VAL B 30 1.95 7.15 -5.92
CA VAL B 30 2.26 8.57 -6.15
C VAL B 30 2.48 9.39 -4.87
N GLU B 31 1.56 9.32 -3.92
CA GLU B 31 1.66 10.08 -2.68
C GLU B 31 2.92 9.76 -1.84
N ASP B 32 3.14 8.49 -1.47
CA ASP B 32 4.31 8.11 -0.63
C ASP B 32 5.59 8.48 -1.37
N THR B 33 5.63 8.23 -2.66
CA THR B 33 6.84 8.48 -3.39
C THR B 33 7.15 9.99 -3.46
N LEU B 34 6.15 10.81 -3.76
CA LEU B 34 6.36 12.24 -3.77
C LEU B 34 6.84 12.71 -2.41
N LYS B 35 6.07 12.39 -1.39
CA LYS B 35 6.38 12.74 -0.01
C LYS B 35 7.80 12.31 0.35
N ALA B 36 8.18 11.09 0.00
CA ALA B 36 9.51 10.59 0.26
C ALA B 36 10.55 11.39 -0.49
N LEU B 37 10.27 11.71 -1.76
CA LEU B 37 11.21 12.53 -2.55
C LEU B 37 11.50 13.87 -1.89
N GLU B 38 10.50 14.52 -1.33
CA GLU B 38 10.70 15.84 -0.74
C GLU B 38 11.36 15.83 0.63
N MET B 39 11.45 14.67 1.28
CA MET B 39 12.22 14.55 2.52
C MET B 39 13.70 14.20 2.29
N GLY B 40 14.10 14.07 1.01
CA GLY B 40 15.47 13.76 0.62
C GLY B 40 15.77 12.30 0.82
N ALA B 41 14.73 11.46 0.83
CA ALA B 41 14.83 10.11 1.32
C ALA B 41 14.93 9.02 0.23
N VAL B 42 14.64 9.37 -1.03
CA VAL B 42 14.65 8.42 -2.12
C VAL B 42 16.04 8.40 -2.74
N GLU B 43 16.68 7.23 -2.70
CA GLU B 43 18.00 6.94 -3.27
C GLU B 43 17.82 6.63 -4.74
N ILE B 44 17.01 5.63 -5.02
CA ILE B 44 16.65 5.29 -6.38
C ILE B 44 15.16 5.45 -6.50
N LEU B 45 14.75 6.00 -7.62
CA LEU B 45 13.37 6.22 -7.97
C LEU B 45 13.09 5.29 -9.15
N ILE B 46 12.16 4.35 -8.96
CA ILE B 46 11.87 3.33 -9.94
C ILE B 46 10.54 3.67 -10.60
N VAL B 47 10.52 3.81 -11.94
CA VAL B 47 9.29 4.24 -12.59
C VAL B 47 8.98 3.43 -13.84
N TYR B 48 7.75 2.97 -13.96
CA TYR B 48 7.28 2.29 -15.16
C TYR B 48 7.29 3.19 -16.40
N GLU B 49 7.92 2.73 -17.48
CA GLU B 49 8.08 3.56 -18.70
C GLU B 49 6.76 3.98 -19.39
N ASN B 50 5.68 3.21 -19.22
CA ASN B 50 4.36 3.58 -19.77
C ASN B 50 3.42 4.05 -18.68
N LEU B 51 3.99 4.67 -17.65
CA LEU B 51 3.21 5.16 -16.55
C LEU B 51 2.18 6.17 -17.08
N ASP B 52 0.92 5.96 -16.68
CA ASP B 52 -0.26 6.66 -17.21
C ASP B 52 -0.65 7.94 -16.48
N ILE B 53 0.05 8.27 -15.41
CA ILE B 53 -0.34 9.36 -14.54
C ILE B 53 0.04 10.68 -15.25
N MET B 54 -0.87 11.64 -15.17
CA MET B 54 -0.69 12.96 -15.70
C MET B 54 -0.55 13.91 -14.53
N ARG B 55 0.32 14.89 -14.73
CA ARG B 55 0.56 15.97 -13.81
C ARG B 55 -0.08 17.26 -14.35
N TYR B 56 -1.22 17.66 -13.77
CA TYR B 56 -1.96 18.88 -14.13
C TYR B 56 -1.59 20.05 -13.22
N VAL B 57 -1.13 21.16 -13.80
CA VAL B 57 -1.02 22.43 -13.09
C VAL B 57 -2.30 23.27 -13.34
N LEU B 58 -3.03 23.56 -12.25
CA LEU B 58 -4.35 24.19 -12.29
C LEU B 58 -4.36 25.53 -11.60
N HIS B 59 -5.23 26.40 -12.08
CA HIS B 59 -5.44 27.73 -11.54
C HIS B 59 -6.57 27.65 -10.51
N CYS B 60 -6.43 28.37 -9.39
CA CYS B 60 -7.48 28.49 -8.38
C CYS B 60 -8.34 29.73 -8.66
N GLN B 61 -9.67 29.56 -8.69
CA GLN B 61 -10.65 30.51 -9.29
C GLN B 61 -10.38 32.02 -9.17
N GLY B 62 -10.70 32.61 -8.02
CA GLY B 62 -10.52 34.04 -7.85
C GLY B 62 -9.06 34.44 -7.71
N THR B 63 -8.26 33.59 -7.09
CA THR B 63 -6.90 33.94 -6.71
C THR B 63 -5.95 33.89 -7.91
N GLU B 64 -4.83 34.59 -7.78
CA GLU B 64 -3.66 34.34 -8.64
C GLU B 64 -2.75 33.30 -7.95
N GLU B 65 -3.34 32.21 -7.41
CA GLU B 65 -2.60 31.10 -6.82
C GLU B 65 -2.76 29.80 -7.61
N GLU B 66 -1.98 28.81 -7.23
CA GLU B 66 -1.54 27.74 -8.12
C GLU B 66 -1.63 26.42 -7.37
N LYS B 67 -2.14 25.39 -8.01
CA LYS B 67 -2.41 24.12 -7.36
C LYS B 67 -2.14 22.97 -8.33
N ILE B 68 -1.24 22.06 -7.93
CA ILE B 68 -0.81 20.86 -8.69
C ILE B 68 -1.71 19.61 -8.43
N LEU B 69 -1.79 18.67 -9.37
CA LEU B 69 -2.77 17.59 -9.27
C LEU B 69 -2.41 16.40 -10.18
N TYR B 70 -2.37 15.20 -9.59
CA TYR B 70 -1.98 13.98 -10.29
C TYR B 70 -3.25 13.21 -10.54
N LEU B 71 -3.47 12.79 -11.77
CA LEU B 71 -4.70 12.10 -12.12
C LEU B 71 -4.42 11.03 -13.13
N THR B 72 -5.43 10.24 -13.43
CA THR B 72 -5.25 9.05 -14.20
C THR B 72 -6.41 8.82 -15.16
N GLU B 92 -9.52 25.97 -14.47
CA GLU B 92 -8.78 26.32 -15.68
C GLU B 92 -7.36 25.75 -15.61
N LEU B 93 -6.89 25.29 -16.75
CA LEU B 93 -5.62 24.62 -16.88
C LEU B 93 -4.52 25.61 -17.27
N ILE B 94 -3.35 25.49 -16.63
CA ILE B 94 -2.11 26.23 -16.92
C ILE B 94 -1.07 25.41 -17.76
N GLU B 95 -0.95 24.12 -17.49
CA GLU B 95 0.12 23.30 -18.05
C GLU B 95 -0.19 21.85 -17.69
N SER B 96 0.03 20.93 -18.60
CA SER B 96 -0.24 19.52 -18.35
C SER B 96 0.95 18.73 -18.90
N MET B 97 1.30 17.64 -18.22
CA MET B 97 2.44 16.82 -18.65
C MET B 97 2.40 15.47 -17.96
N PRO B 98 2.94 14.42 -18.61
CA PRO B 98 3.07 13.13 -17.91
C PRO B 98 4.08 13.19 -16.77
N LEU B 99 3.68 12.74 -15.59
CA LEU B 99 4.54 12.69 -14.40
C LEU B 99 5.92 12.01 -14.64
N LEU B 100 5.92 10.96 -15.44
CA LEU B 100 7.15 10.35 -15.96
C LEU B 100 8.11 11.34 -16.62
N GLU B 101 7.55 12.19 -17.47
CA GLU B 101 8.35 13.22 -18.12
C GLU B 101 8.77 14.23 -17.08
N TRP B 102 7.83 14.57 -16.19
CA TRP B 102 8.15 15.44 -15.06
C TRP B 102 9.26 14.84 -14.21
N PHE B 103 9.25 13.53 -13.99
CA PHE B 103 10.30 12.91 -13.20
C PHE B 103 11.61 13.00 -13.92
N ALA B 104 11.64 12.52 -15.17
CA ALA B 104 12.84 12.61 -16.01
C ALA B 104 13.54 13.98 -15.95
N ASN B 105 12.79 15.06 -16.11
CA ASN B 105 13.37 16.41 -16.08
C ASN B 105 13.76 16.92 -14.68
N ASN B 106 13.09 16.45 -13.63
CA ASN B 106 13.15 17.08 -12.31
C ASN B 106 13.66 16.23 -11.17
N TYR B 107 14.10 15.00 -11.46
CA TYR B 107 14.44 14.05 -10.39
C TYR B 107 15.71 14.42 -9.68
N LYS B 108 16.68 15.02 -10.39
CA LYS B 108 17.98 15.37 -9.80
C LYS B 108 17.90 16.40 -8.65
N LYS B 109 16.85 17.21 -8.63
CA LYS B 109 16.62 18.17 -7.55
C LYS B 109 16.31 17.53 -6.17
N PHE B 110 15.93 16.25 -6.14
CA PHE B 110 15.74 15.46 -4.87
C PHE B 110 16.87 14.45 -4.62
N GLY B 111 17.60 14.14 -5.68
CA GLY B 111 18.80 13.32 -5.71
C GLY B 111 18.97 12.12 -4.82
N ALA B 112 18.48 10.92 -5.17
CA ALA B 112 17.54 10.54 -6.23
C ALA B 112 18.23 10.34 -7.56
N THR B 113 18.66 9.10 -7.82
CA THR B 113 18.89 8.62 -9.20
C THR B 113 17.60 7.93 -9.65
N LEU B 114 17.39 7.89 -10.97
CA LEU B 114 16.13 7.47 -11.60
C LEU B 114 16.37 6.25 -12.44
N GLU B 115 15.50 5.26 -12.28
CA GLU B 115 15.48 4.08 -13.14
C GLU B 115 14.09 3.84 -13.69
N ILE B 116 13.94 4.12 -14.98
CA ILE B 116 12.75 3.74 -15.75
C ILE B 116 12.82 2.26 -16.11
N VAL B 117 11.69 1.58 -16.06
CA VAL B 117 11.60 0.14 -16.26
C VAL B 117 10.34 -0.27 -17.05
N THR B 118 10.28 -1.55 -17.43
CA THR B 118 9.14 -2.11 -18.13
C THR B 118 8.60 -3.40 -17.52
N ASP B 119 7.45 -3.81 -18.02
CA ASP B 119 6.69 -4.95 -17.50
C ASP B 119 6.78 -6.20 -18.38
N LYS B 120 7.70 -6.19 -19.34
CA LYS B 120 7.96 -7.37 -20.18
C LYS B 120 8.80 -8.42 -19.43
N SER B 121 9.31 -8.07 -18.25
CA SER B 121 9.91 -9.03 -17.29
C SER B 121 8.92 -9.40 -16.17
N GLN B 122 9.25 -10.42 -15.38
CA GLN B 122 8.36 -10.87 -14.29
C GLN B 122 8.43 -9.93 -13.08
N GLU B 123 9.65 -9.46 -12.76
CA GLU B 123 9.89 -8.50 -11.67
C GLU B 123 9.19 -7.19 -11.98
N GLY B 124 9.48 -6.64 -13.15
CA GLY B 124 8.78 -5.46 -13.67
C GLY B 124 7.26 -5.59 -13.80
N SER B 125 6.77 -6.78 -14.11
CA SER B 125 5.33 -7.00 -14.21
C SER B 125 4.66 -6.86 -12.85
N GLN B 126 5.20 -7.55 -11.85
CA GLN B 126 4.70 -7.41 -10.48
C GLN B 126 4.76 -5.94 -9.96
N PHE B 127 5.89 -5.27 -10.21
CA PHE B 127 6.00 -3.85 -9.89
C PHE B 127 4.79 -3.08 -10.40
N VAL B 128 4.46 -3.25 -11.67
CA VAL B 128 3.37 -2.51 -12.30
C VAL B 128 2.00 -2.99 -11.87
N LYS B 129 1.76 -4.30 -11.90
CA LYS B 129 0.45 -4.85 -11.51
C LYS B 129 0.18 -4.66 -10.03
N GLY B 130 1.21 -4.77 -9.22
CA GLY B 130 1.07 -4.77 -7.77
C GLY B 130 1.48 -3.53 -7.00
N PHE B 131 2.45 -2.77 -7.51
CA PHE B 131 2.91 -1.56 -6.82
C PHE B 131 2.59 -0.25 -7.54
N GLY B 132 1.78 -0.34 -8.59
CA GLY B 132 1.31 0.85 -9.30
C GLY B 132 2.31 1.50 -10.23
N GLY B 133 3.41 0.80 -10.50
CA GLY B 133 4.41 1.27 -11.43
C GLY B 133 5.27 2.40 -10.98
N ILE B 134 5.28 2.69 -9.69
CA ILE B 134 6.04 3.81 -9.14
C ILE B 134 6.36 3.58 -7.69
N GLY B 135 7.62 3.78 -7.36
CA GLY B 135 8.13 3.44 -6.07
C GLY B 135 9.61 3.79 -5.99
N GLY B 136 10.23 3.47 -4.86
CA GLY B 136 11.60 3.88 -4.64
C GLY B 136 12.25 3.02 -3.62
N ILE B 137 13.57 2.90 -3.76
CA ILE B 137 14.43 2.42 -2.69
C ILE B 137 14.75 3.66 -1.88
N LEU B 138 14.69 3.51 -0.57
CA LEU B 138 14.85 4.60 0.36
C LEU B 138 16.23 4.58 1.09
N ARG B 139 16.85 5.75 1.18
CA ARG B 139 17.94 6.00 2.15
C ARG B 139 17.72 5.64 3.61
N TYR B 140 16.56 5.98 4.15
CA TYR B 140 16.21 5.68 5.55
C TYR B 140 14.74 5.37 5.67
N ARG B 141 14.36 4.80 6.81
CA ARG B 141 12.97 4.43 7.06
C ARG B 141 12.12 5.70 7.26
N VAL B 142 10.98 5.77 6.57
CA VAL B 142 10.06 6.89 6.62
C VAL B 142 8.77 6.35 7.21
N ASP B 143 7.99 7.21 7.85
CA ASP B 143 6.74 6.80 8.47
C ASP B 143 5.60 6.56 7.47
N PHE B 144 5.12 7.64 6.85
CA PHE B 144 3.82 7.68 6.17
C PHE B 144 2.81 7.27 7.25
N GLN B 145 2.44 8.22 8.11
CA GLN B 145 1.73 7.90 9.36
C GLN B 145 0.28 7.57 9.08
#